data_6W0N
#
_entry.id   6W0N
#
_cell.length_a   82.800
_cell.length_b   86.170
_cell.length_c   137.130
_cell.angle_alpha   90.000
_cell.angle_beta   90.000
_cell.angle_gamma   90.000
#
_symmetry.space_group_name_H-M   'P 21 21 21'
#
loop_
_entity.id
_entity.type
_entity.pdbx_description
1 polymer Ketohexokinase
2 non-polymer 6-[(3~{S},4~{R})-3,4-bis(oxidanyl)pyrrolidin-1-yl]-2-[(3~{S})-3-methyl-3-oxidanyl-pyrrolidin-1-yl]-4-(trifluoromethyl)pyridine-3-carbonitrile
3 non-polymer 'SULFATE ION'
4 non-polymer 'CITRIC ACID'
5 water water
#
_entity_poly.entity_id   1
_entity_poly.type   'polypeptide(L)'
_entity_poly.pdbx_seq_one_letter_code
;MGSSHHHHHHSSGLVPRGSQILCVGLVVLDVISLVDKYPKEDSEIRCLSQRWQRGGNASNSCTVLSLLGAPCAFMGSMAP
GHVADFLVADFRRRGVDVSQVAWQSKGDTPSSCCIINNSNGNRTIVLHDTSLPDVSATDFEKVDLTQFKWIHIEGRNASE
QVKMLQRIDAHNTRQPPEQKIRVSVEVEKPREELFQLFGYGDVVFVSKDVAKHLGFQSAEEALRGLYGRVRKGAVLVCAW
AEEGADALGPDGKLLHSDAFPPPRVVDTLGAGDTFNASVIFSLSQGRSVQEALRFGCQVAGKKCGLQGFDGIV
;
_entity_poly.pdbx_strand_id   A,B
#
# COMPACT_ATOMS: atom_id res chain seq x y z
N GLY A 18 -16.05 35.95 3.48
CA GLY A 18 -15.34 35.70 4.72
C GLY A 18 -15.87 34.54 5.54
N SER A 19 -16.27 33.45 4.88
CA SER A 19 -16.88 32.30 5.56
C SER A 19 -16.02 31.02 5.62
N GLN A 20 -15.04 30.85 4.71
CA GLN A 20 -14.26 29.61 4.68
C GLN A 20 -12.89 29.67 5.32
N ILE A 21 -12.39 28.49 5.72
CA ILE A 21 -11.04 28.28 6.21
C ILE A 21 -10.34 27.54 5.04
N LEU A 22 -9.29 28.16 4.49
CA LEU A 22 -8.52 27.57 3.40
C LEU A 22 -7.29 26.87 3.98
N CYS A 23 -6.99 25.65 3.53
CA CYS A 23 -5.78 24.90 3.91
C CYS A 23 -4.99 24.62 2.64
N VAL A 24 -3.75 25.15 2.60
CA VAL A 24 -2.79 25.02 1.50
C VAL A 24 -1.68 24.04 1.90
N GLY A 25 -1.51 22.99 1.11
CA GLY A 25 -0.49 21.97 1.37
C GLY A 25 -0.69 20.72 0.54
N LEU A 26 -0.29 19.56 1.09
CA LEU A 26 -0.38 18.29 0.37
C LEU A 26 -1.66 17.48 0.57
N VAL A 27 -1.97 16.66 -0.45
CA VAL A 27 -2.97 15.61 -0.46
C VAL A 27 -2.21 14.38 -0.96
N VAL A 28 -2.13 13.35 -0.12
CA VAL A 28 -1.36 12.12 -0.36
C VAL A 28 -2.32 10.94 -0.09
N LEU A 29 -2.20 9.83 -0.83
CA LEU A 29 -3.00 8.66 -0.53
C LEU A 29 -2.22 7.85 0.49
N ASP A 30 -2.79 7.63 1.67
CA ASP A 30 -2.18 6.82 2.69
C ASP A 30 -2.71 5.40 2.61
N VAL A 31 -1.80 4.48 2.29
CA VAL A 31 -2.04 3.06 2.21
C VAL A 31 -1.58 2.56 3.58
N ILE A 32 -2.57 2.34 4.44
CA ILE A 32 -2.38 1.98 5.83
C ILE A 32 -2.45 0.48 6.08
N SER A 33 -1.54 0.01 6.93
CA SER A 33 -1.49 -1.33 7.49
C SER A 33 -1.47 -1.17 9.00
N LEU A 34 -2.43 -1.79 9.66
CA LEU A 34 -2.52 -1.78 11.11
C LEU A 34 -1.87 -3.07 11.60
N VAL A 35 -0.84 -2.94 12.44
CA VAL A 35 -0.07 -4.06 12.96
C VAL A 35 -0.14 -4.15 14.49
N ASP A 36 0.03 -5.35 15.10
CA ASP A 36 0.04 -5.38 16.56
C ASP A 36 1.43 -5.05 17.12
N LYS A 37 2.48 -5.26 16.31
CA LYS A 37 3.85 -4.89 16.68
C LYS A 37 4.62 -4.35 15.47
N TYR A 38 5.50 -3.35 15.69
CA TYR A 38 6.30 -2.78 14.61
C TYR A 38 7.23 -3.87 14.07
N PRO A 39 7.23 -4.13 12.74
CA PRO A 39 8.08 -5.22 12.22
C PRO A 39 9.57 -4.95 12.39
N LYS A 40 10.31 -5.99 12.79
CA LYS A 40 11.75 -5.91 12.92
C LYS A 40 12.30 -6.08 11.48
N GLU A 41 13.36 -5.34 11.12
CA GLU A 41 13.95 -5.40 9.78
C GLU A 41 14.26 -6.85 9.38
N ASP A 42 13.91 -7.21 8.12
CA ASP A 42 14.12 -8.51 7.46
C ASP A 42 13.07 -9.56 7.90
N SER A 43 12.00 -9.13 8.57
CA SER A 43 10.91 -10.02 8.99
C SER A 43 9.66 -9.92 8.09
N GLU A 44 8.78 -10.92 8.22
CA GLU A 44 7.49 -11.01 7.55
C GLU A 44 6.40 -11.11 8.65
N ILE A 45 5.64 -10.03 8.87
CA ILE A 45 4.51 -9.97 9.81
C ILE A 45 3.18 -9.82 8.99
N ARG A 46 2.06 -10.35 9.48
CA ARG A 46 0.76 -10.18 8.83
C ARG A 46 0.05 -9.03 9.54
N CYS A 47 -0.58 -8.13 8.79
CA CYS A 47 -1.25 -7.00 9.42
C CYS A 47 -2.65 -7.41 9.91
N LEU A 48 -3.19 -6.66 10.84
CA LEU A 48 -4.52 -6.90 11.39
C LEU A 48 -5.54 -6.48 10.35
N SER A 49 -5.34 -5.31 9.73
CA SER A 49 -6.22 -4.72 8.73
C SER A 49 -5.48 -3.73 7.86
N GLN A 50 -6.17 -3.39 6.76
CA GLN A 50 -5.71 -2.54 5.68
C GLN A 50 -6.81 -1.53 5.39
N ARG A 51 -6.44 -0.29 5.05
CA ARG A 51 -7.36 0.76 4.59
C ARG A 51 -6.61 1.78 3.77
N TRP A 52 -7.35 2.47 2.91
CA TRP A 52 -6.87 3.62 2.16
C TRP A 52 -7.44 4.80 2.88
N GLN A 53 -6.64 5.82 3.08
CA GLN A 53 -7.11 7.03 3.74
C GLN A 53 -6.52 8.22 3.03
N ARG A 54 -7.35 9.24 2.83
CA ARG A 54 -6.85 10.48 2.23
C ARG A 54 -6.00 11.12 3.33
N GLY A 55 -4.79 11.45 2.95
CA GLY A 55 -3.75 11.99 3.81
C GLY A 55 -3.19 13.30 3.30
N GLY A 56 -2.09 13.74 3.88
CA GLY A 56 -1.48 15.04 3.62
C GLY A 56 -1.88 15.91 4.78
N ASN A 57 -0.97 16.74 5.31
CA ASN A 57 -1.27 17.57 6.50
C ASN A 57 -2.45 18.51 6.29
N ALA A 58 -2.38 19.36 5.27
CA ALA A 58 -3.44 20.34 4.95
C ALA A 58 -4.76 19.63 4.63
N SER A 59 -4.67 18.48 3.95
CA SER A 59 -5.80 17.63 3.59
C SER A 59 -6.48 17.06 4.84
N ASN A 60 -5.68 16.54 5.81
CA ASN A 60 -6.16 16.00 7.09
C ASN A 60 -6.86 17.09 7.90
N SER A 61 -6.28 18.31 7.95
CA SER A 61 -6.85 19.47 8.65
C SER A 61 -8.23 19.85 8.08
N CYS A 62 -8.41 19.74 6.76
CA CYS A 62 -9.70 19.98 6.08
C CYS A 62 -10.77 19.02 6.55
N THR A 63 -10.44 17.72 6.65
CA THR A 63 -11.33 16.65 7.16
C THR A 63 -11.84 17.06 8.54
N VAL A 64 -10.92 17.40 9.44
CA VAL A 64 -11.19 17.78 10.82
C VAL A 64 -12.06 19.03 10.87
N LEU A 65 -11.73 20.08 10.07
CA LEU A 65 -12.50 21.31 9.99
C LEU A 65 -13.93 21.03 9.56
N SER A 66 -14.14 20.14 8.56
CA SER A 66 -15.50 19.76 8.13
C SER A 66 -16.27 19.05 9.22
N LEU A 67 -15.62 18.11 9.92
CA LEU A 67 -16.22 17.39 11.04
C LEU A 67 -16.56 18.34 12.22
N LEU A 68 -15.77 19.41 12.36
CA LEU A 68 -15.99 20.42 13.40
C LEU A 68 -17.15 21.37 13.05
N GLY A 69 -17.61 21.34 11.80
CA GLY A 69 -18.72 22.15 11.32
C GLY A 69 -18.31 23.42 10.59
N ALA A 70 -17.03 23.52 10.20
CA ALA A 70 -16.49 24.67 9.50
C ALA A 70 -16.49 24.50 7.99
N PRO A 71 -17.00 25.50 7.22
CA PRO A 71 -16.88 25.44 5.76
C PRO A 71 -15.38 25.58 5.46
N CYS A 72 -14.86 24.69 4.63
CA CYS A 72 -13.43 24.71 4.37
C CYS A 72 -13.12 24.38 2.94
N ALA A 73 -11.96 24.83 2.52
CA ALA A 73 -11.45 24.63 1.18
C ALA A 73 -10.02 24.10 1.23
N PHE A 74 -9.69 23.27 0.25
CA PHE A 74 -8.33 22.74 0.13
C PHE A 74 -7.70 23.26 -1.15
N MET A 75 -6.44 23.69 -1.02
CA MET A 75 -5.61 24.09 -2.13
C MET A 75 -4.30 23.27 -2.10
N GLY A 76 -4.10 22.51 -3.14
CA GLY A 76 -2.93 21.68 -3.30
C GLY A 76 -2.87 21.15 -4.70
N SER A 77 -1.73 20.54 -5.06
CA SER A 77 -1.49 19.94 -6.36
C SER A 77 -2.04 18.52 -6.48
N MET A 78 -2.68 18.23 -7.61
CA MET A 78 -3.19 16.89 -7.92
C MET A 78 -2.97 16.63 -9.40
N ALA A 79 -2.77 15.35 -9.76
CA ALA A 79 -2.61 14.94 -11.14
C ALA A 79 -3.82 14.07 -11.49
N PRO A 80 -4.51 14.32 -12.63
CA PRO A 80 -5.64 13.45 -13.02
C PRO A 80 -5.25 11.96 -13.04
N GLY A 81 -6.13 11.11 -12.51
CA GLY A 81 -5.94 9.67 -12.47
C GLY A 81 -6.86 9.01 -11.48
N HIS A 82 -6.77 7.68 -11.32
CA HIS A 82 -7.64 6.94 -10.40
C HIS A 82 -7.42 7.24 -8.92
N VAL A 83 -6.17 7.59 -8.54
CA VAL A 83 -5.81 7.95 -7.18
C VAL A 83 -6.46 9.30 -6.82
N ALA A 84 -6.31 10.35 -7.67
CA ALA A 84 -6.91 11.68 -7.51
C ALA A 84 -8.42 11.56 -7.45
N ASP A 85 -9.01 10.66 -8.25
CA ASP A 85 -10.45 10.37 -8.26
C ASP A 85 -10.90 9.90 -6.88
N PHE A 86 -10.13 9.00 -6.22
CA PHE A 86 -10.40 8.52 -4.86
C PHE A 86 -10.31 9.67 -3.86
N LEU A 87 -9.26 10.49 -3.98
CA LEU A 87 -8.99 11.63 -3.10
C LEU A 87 -10.06 12.71 -3.21
N VAL A 88 -10.48 13.03 -4.44
CA VAL A 88 -11.53 14.02 -4.73
C VAL A 88 -12.87 13.55 -4.17
N ALA A 89 -13.23 12.27 -4.43
CA ALA A 89 -14.48 11.69 -3.93
C ALA A 89 -14.52 11.76 -2.42
N ASP A 90 -13.39 11.47 -1.75
CA ASP A 90 -13.25 11.53 -0.32
C ASP A 90 -13.46 12.98 0.20
N PHE A 91 -12.72 13.94 -0.38
CA PHE A 91 -12.83 15.35 -0.05
C PHE A 91 -14.30 15.80 -0.14
N ARG A 92 -14.98 15.50 -1.28
CA ARG A 92 -16.39 15.81 -1.57
C ARG A 92 -17.35 15.15 -0.60
N ARG A 93 -17.10 13.89 -0.24
CA ARG A 93 -17.89 13.15 0.75
C ARG A 93 -17.87 13.90 2.12
N ARG A 94 -16.78 14.63 2.42
CA ARG A 94 -16.59 15.42 3.65
C ARG A 94 -17.06 16.85 3.52
N GLY A 95 -17.48 17.22 2.34
CA GLY A 95 -17.94 18.56 2.06
C GLY A 95 -16.82 19.57 1.92
N VAL A 96 -15.58 19.09 1.65
CA VAL A 96 -14.41 19.94 1.42
C VAL A 96 -14.48 20.46 -0.02
N ASP A 97 -14.40 21.78 -0.16
CA ASP A 97 -14.48 22.50 -1.43
C ASP A 97 -13.13 22.30 -2.09
N VAL A 98 -13.15 21.76 -3.32
CA VAL A 98 -11.96 21.36 -4.06
C VAL A 98 -11.71 22.23 -5.32
N SER A 99 -12.47 23.33 -5.46
CA SER A 99 -12.40 24.25 -6.59
C SER A 99 -11.03 24.97 -6.77
N GLN A 100 -10.22 25.05 -5.69
CA GLN A 100 -8.91 25.72 -5.68
C GLN A 100 -7.75 24.76 -5.99
N VAL A 101 -8.03 23.48 -6.27
CA VAL A 101 -6.97 22.50 -6.57
C VAL A 101 -6.18 22.84 -7.84
N ALA A 102 -4.84 22.82 -7.71
CA ALA A 102 -3.94 23.11 -8.84
C ALA A 102 -3.68 21.81 -9.60
N TRP A 103 -4.49 21.53 -10.61
CA TRP A 103 -4.37 20.33 -11.46
C TRP A 103 -3.13 20.40 -12.34
N GLN A 104 -2.29 19.32 -12.27
CA GLN A 104 -1.01 19.21 -12.95
C GLN A 104 -1.01 18.25 -14.13
N SER A 105 -0.34 18.64 -15.24
CA SER A 105 -0.23 17.80 -16.45
C SER A 105 0.97 16.82 -16.35
N LYS A 106 1.92 17.14 -15.43
CA LYS A 106 3.12 16.34 -15.17
C LYS A 106 3.17 15.89 -13.71
N GLY A 107 3.55 14.62 -13.52
CA GLY A 107 3.67 13.95 -12.24
C GLY A 107 2.54 12.98 -11.92
N ASP A 108 2.75 12.14 -10.90
CA ASP A 108 1.75 11.18 -10.42
C ASP A 108 1.28 11.66 -9.05
N THR A 109 0.18 11.08 -8.52
CA THR A 109 -0.28 11.47 -7.18
C THR A 109 0.66 10.86 -6.12
N PRO A 110 1.13 11.63 -5.10
CA PRO A 110 1.98 11.03 -4.06
C PRO A 110 1.20 10.02 -3.26
N SER A 111 1.87 9.00 -2.79
CA SER A 111 1.26 7.99 -1.95
C SER A 111 2.29 7.60 -0.93
N SER A 112 1.82 7.07 0.17
CA SER A 112 2.73 6.64 1.19
C SER A 112 2.22 5.39 1.84
N CYS A 113 3.13 4.58 2.29
CA CYS A 113 2.86 3.38 3.04
C CYS A 113 2.97 3.74 4.51
N CYS A 114 1.86 3.57 5.22
CA CYS A 114 1.75 3.90 6.63
C CYS A 114 1.58 2.66 7.49
N ILE A 115 2.50 2.45 8.42
CA ILE A 115 2.41 1.34 9.35
C ILE A 115 1.94 1.93 10.67
N ILE A 116 0.73 1.54 11.11
CA ILE A 116 0.17 2.00 12.37
C ILE A 116 0.28 0.85 13.36
N ASN A 117 0.96 1.09 14.49
CA ASN A 117 1.11 0.10 15.54
C ASN A 117 -0.11 0.25 16.43
N ASN A 118 -0.93 -0.80 16.49
CA ASN A 118 -2.19 -0.84 17.23
C ASN A 118 -2.02 -0.83 18.76
N SER A 119 -0.86 -1.24 19.27
CA SER A 119 -0.59 -1.31 20.70
C SER A 119 -0.14 0.02 21.32
N ASN A 120 0.22 1.03 20.51
CA ASN A 120 0.67 2.32 21.05
C ASN A 120 0.32 3.52 20.16
N GLY A 121 -0.26 3.26 18.99
CA GLY A 121 -0.64 4.29 18.03
C GLY A 121 0.47 4.88 17.20
N ASN A 122 1.74 4.38 17.34
CA ASN A 122 2.85 4.89 16.53
C ASN A 122 2.56 4.75 15.05
N ARG A 123 2.89 5.77 14.29
CA ARG A 123 2.68 5.72 12.88
C ARG A 123 4.00 5.97 12.21
N THR A 124 4.34 5.09 11.30
CA THR A 124 5.57 5.14 10.54
C THR A 124 5.16 5.36 9.09
N ILE A 125 5.68 6.41 8.43
CA ILE A 125 5.32 6.74 7.06
C ILE A 125 6.49 6.65 6.10
N VAL A 126 6.29 5.90 4.99
CA VAL A 126 7.27 5.77 3.91
C VAL A 126 6.61 6.54 2.77
N LEU A 127 7.00 7.82 2.60
CA LEU A 127 6.41 8.68 1.58
C LEU A 127 7.12 8.55 0.25
N HIS A 128 6.31 8.52 -0.80
CA HIS A 128 6.76 8.50 -2.18
C HIS A 128 6.39 9.86 -2.77
N ASP A 129 7.37 10.78 -2.80
CA ASP A 129 7.18 12.13 -3.35
C ASP A 129 7.44 12.03 -4.85
N THR A 130 6.38 12.29 -5.65
CA THR A 130 6.33 12.08 -7.09
C THR A 130 6.80 13.22 -8.03
N SER A 131 7.52 14.23 -7.52
CA SER A 131 7.95 15.37 -8.35
C SER A 131 6.74 16.16 -8.95
N LEU A 132 5.54 15.98 -8.33
CA LEU A 132 4.31 16.71 -8.67
C LEU A 132 4.69 18.14 -8.34
N PRO A 133 4.59 19.09 -9.29
CA PRO A 133 4.98 20.47 -8.95
C PRO A 133 4.09 21.01 -7.84
N ASP A 134 4.69 21.73 -6.90
CA ASP A 134 4.01 22.34 -5.77
C ASP A 134 3.14 23.52 -6.19
N VAL A 135 2.20 23.93 -5.31
CA VAL A 135 1.35 25.11 -5.54
C VAL A 135 2.31 26.32 -5.62
N SER A 136 2.17 27.15 -6.65
CA SER A 136 3.06 28.29 -6.82
C SER A 136 2.40 29.58 -6.41
N ALA A 137 3.21 30.65 -6.23
CA ALA A 137 2.74 31.98 -5.89
C ALA A 137 1.82 32.50 -7.00
N THR A 138 2.08 32.03 -8.24
CA THR A 138 1.32 32.34 -9.45
C THR A 138 -0.06 31.68 -9.37
N ASP A 139 -0.11 30.40 -8.93
CA ASP A 139 -1.36 29.65 -8.72
C ASP A 139 -2.17 30.36 -7.64
N PHE A 140 -1.52 30.75 -6.53
CA PHE A 140 -2.16 31.44 -5.41
C PHE A 140 -2.71 32.82 -5.79
N GLU A 141 -2.04 33.52 -6.71
CA GLU A 141 -2.40 34.86 -7.21
C GLU A 141 -3.78 34.86 -7.91
N LYS A 142 -4.19 33.71 -8.46
CA LYS A 142 -5.44 33.46 -9.18
C LYS A 142 -6.63 33.24 -8.24
N VAL A 143 -6.37 33.15 -6.93
CA VAL A 143 -7.40 32.89 -5.92
C VAL A 143 -8.00 34.18 -5.40
N ASP A 144 -9.34 34.31 -5.49
CA ASP A 144 -10.06 35.45 -4.93
C ASP A 144 -10.15 35.13 -3.45
N LEU A 145 -9.52 35.96 -2.62
CA LEU A 145 -9.41 35.77 -1.19
C LEU A 145 -10.62 36.15 -0.34
N THR A 146 -11.57 36.92 -0.91
CA THR A 146 -12.75 37.45 -0.18
C THR A 146 -13.61 36.39 0.54
N GLN A 147 -13.67 35.16 0.01
CA GLN A 147 -14.48 34.09 0.62
C GLN A 147 -13.83 33.42 1.85
N PHE A 148 -12.57 33.77 2.16
CA PHE A 148 -11.84 33.16 3.28
C PHE A 148 -11.73 34.06 4.48
N LYS A 149 -11.98 33.51 5.68
CA LYS A 149 -11.82 34.21 6.97
C LYS A 149 -10.47 33.84 7.61
N TRP A 150 -9.91 32.68 7.21
CA TRP A 150 -8.66 32.12 7.71
C TRP A 150 -7.94 31.33 6.59
N ILE A 151 -6.62 31.51 6.45
CA ILE A 151 -5.80 30.76 5.48
C ILE A 151 -4.68 30.06 6.25
N HIS A 152 -4.65 28.72 6.20
CA HIS A 152 -3.61 27.92 6.83
C HIS A 152 -2.65 27.37 5.76
N ILE A 153 -1.35 27.61 5.93
CA ILE A 153 -0.31 27.13 5.00
C ILE A 153 0.59 26.08 5.65
N GLU A 154 0.64 24.89 5.05
CA GLU A 154 1.52 23.80 5.47
C GLU A 154 2.87 24.08 4.77
N GLY A 155 3.90 24.38 5.57
CA GLY A 155 5.25 24.71 5.08
C GLY A 155 5.87 23.64 4.19
N ARG A 156 6.18 24.00 2.93
CA ARG A 156 6.79 23.09 1.94
C ARG A 156 7.82 23.80 1.05
N ASN A 157 7.34 24.49 -0.02
CA ASN A 157 8.16 25.30 -0.95
C ASN A 157 8.13 26.72 -0.38
N ALA A 158 8.96 26.96 0.65
CA ALA A 158 8.99 28.19 1.46
C ALA A 158 9.15 29.47 0.68
N SER A 159 10.11 29.56 -0.26
CA SER A 159 10.31 30.80 -1.03
C SER A 159 9.05 31.21 -1.81
N GLU A 160 8.32 30.22 -2.34
CA GLU A 160 7.07 30.40 -3.10
C GLU A 160 5.85 30.70 -2.18
N GLN A 161 5.85 30.13 -0.97
CA GLN A 161 4.81 30.34 0.04
C GLN A 161 4.93 31.69 0.72
N VAL A 162 6.17 32.22 0.86
CA VAL A 162 6.45 33.56 1.43
C VAL A 162 5.73 34.61 0.59
N LYS A 163 5.79 34.47 -0.75
CA LYS A 163 5.12 35.36 -1.72
C LYS A 163 3.59 35.31 -1.53
N MET A 164 3.02 34.09 -1.25
CA MET A 164 1.59 33.86 -0.99
C MET A 164 1.18 34.62 0.29
N LEU A 165 2.03 34.54 1.32
CA LEU A 165 1.84 35.19 2.61
C LEU A 165 1.92 36.72 2.49
N GLN A 166 2.84 37.23 1.64
CA GLN A 166 2.97 38.66 1.36
C GLN A 166 1.72 39.20 0.63
N ARG A 167 1.09 38.35 -0.21
CA ARG A 167 -0.15 38.68 -0.93
C ARG A 167 -1.33 38.84 0.06
N ILE A 168 -1.40 37.97 1.09
CA ILE A 168 -2.44 38.04 2.12
C ILE A 168 -2.22 39.29 2.98
N ASP A 169 -0.94 39.62 3.29
CA ASP A 169 -0.64 40.85 4.03
C ASP A 169 -1.08 42.08 3.26
N ALA A 170 -0.79 42.12 1.94
CA ALA A 170 -1.19 43.23 1.07
C ALA A 170 -2.71 43.39 1.05
N HIS A 171 -3.45 42.25 0.95
CA HIS A 171 -4.92 42.21 0.97
C HIS A 171 -5.42 42.81 2.29
N ASN A 172 -4.84 42.36 3.41
CA ASN A 172 -5.19 42.78 4.77
C ASN A 172 -4.98 44.26 5.03
N THR A 173 -3.88 44.85 4.47
CA THR A 173 -3.55 46.28 4.60
C THR A 173 -4.70 47.15 4.06
N ARG A 174 -5.30 46.70 2.93
CA ARG A 174 -6.39 47.35 2.22
C ARG A 174 -7.81 46.96 2.71
N GLN A 175 -7.93 46.35 3.92
CA GLN A 175 -9.23 45.94 4.49
C GLN A 175 -9.42 46.46 5.93
N PRO A 176 -10.67 46.73 6.40
CA PRO A 176 -10.84 47.15 7.82
C PRO A 176 -10.56 45.99 8.78
N PRO A 177 -10.23 46.22 10.09
CA PRO A 177 -9.92 45.08 10.99
C PRO A 177 -10.94 43.92 11.00
N GLU A 178 -12.22 44.25 10.75
CA GLU A 178 -13.36 43.34 10.68
C GLU A 178 -13.22 42.29 9.57
N GLN A 179 -12.71 42.71 8.39
CA GLN A 179 -12.56 41.91 7.16
C GLN A 179 -11.16 41.33 6.93
N LYS A 180 -10.27 41.39 7.94
CA LYS A 180 -8.90 40.87 7.84
C LYS A 180 -8.91 39.34 7.91
N ILE A 181 -8.14 38.72 7.00
CA ILE A 181 -7.98 37.27 6.92
C ILE A 181 -6.89 36.86 7.90
N ARG A 182 -7.24 35.94 8.83
CA ARG A 182 -6.31 35.40 9.80
C ARG A 182 -5.44 34.33 9.12
N VAL A 183 -4.18 34.28 9.50
CA VAL A 183 -3.21 33.41 8.85
C VAL A 183 -2.51 32.52 9.85
N SER A 184 -2.35 31.26 9.48
CA SER A 184 -1.58 30.30 10.26
C SER A 184 -0.62 29.57 9.36
N VAL A 185 0.52 29.20 9.93
CA VAL A 185 1.62 28.54 9.24
C VAL A 185 2.04 27.32 10.09
N GLU A 186 2.36 26.19 9.43
CA GLU A 186 2.88 25.00 10.09
C GLU A 186 4.28 24.70 9.57
N VAL A 187 5.26 24.63 10.50
CA VAL A 187 6.67 24.26 10.26
C VAL A 187 6.78 22.88 10.96
N GLU A 188 6.56 21.81 10.18
CA GLU A 188 6.53 20.43 10.68
C GLU A 188 7.79 19.60 10.32
N LYS A 189 8.46 19.94 9.22
CA LYS A 189 9.67 19.22 8.79
C LYS A 189 10.94 20.00 9.15
N PRO A 190 11.99 19.32 9.71
CA PRO A 190 13.21 20.06 10.13
C PRO A 190 14.13 20.39 8.95
N ARG A 191 13.60 21.20 8.04
CA ARG A 191 14.23 21.67 6.81
C ARG A 191 14.44 23.18 6.97
N GLU A 192 15.72 23.63 6.90
CA GLU A 192 16.16 25.02 7.05
C GLU A 192 15.37 26.02 6.18
N GLU A 193 14.97 25.61 4.94
CA GLU A 193 14.18 26.39 3.97
C GLU A 193 12.92 26.94 4.65
N LEU A 194 12.28 26.10 5.49
CA LEU A 194 11.02 26.37 6.19
C LEU A 194 11.12 27.35 7.35
N PHE A 195 12.29 27.54 7.96
CA PHE A 195 12.46 28.38 9.14
C PHE A 195 12.19 29.86 8.88
N GLN A 196 12.19 30.28 7.60
CA GLN A 196 11.86 31.65 7.21
C GLN A 196 10.34 31.91 7.38
N LEU A 197 9.53 30.83 7.43
CA LEU A 197 8.07 30.92 7.56
C LEU A 197 7.61 31.30 8.97
N PHE A 198 8.53 31.28 9.98
CA PHE A 198 8.22 31.66 11.37
C PHE A 198 7.80 33.13 11.43
N GLY A 199 8.40 33.96 10.57
CA GLY A 199 8.15 35.40 10.48
C GLY A 199 6.84 35.82 9.81
N TYR A 200 6.02 34.84 9.44
CA TYR A 200 4.74 35.06 8.78
C TYR A 200 3.62 34.37 9.56
N GLY A 201 2.42 34.93 9.44
CA GLY A 201 1.26 34.38 10.12
C GLY A 201 0.98 34.92 11.51
N ASP A 202 -0.30 34.91 11.88
CA ASP A 202 -0.82 35.32 13.18
C ASP A 202 -0.60 34.22 14.21
N VAL A 203 -0.60 32.95 13.72
CA VAL A 203 -0.41 31.72 14.49
C VAL A 203 0.62 30.86 13.74
N VAL A 204 1.65 30.42 14.47
CA VAL A 204 2.75 29.60 13.93
C VAL A 204 2.79 28.31 14.74
N PHE A 205 2.59 27.19 14.05
CA PHE A 205 2.67 25.87 14.65
C PHE A 205 4.05 25.29 14.32
N VAL A 206 4.80 24.95 15.36
CA VAL A 206 6.12 24.33 15.24
C VAL A 206 6.01 22.93 15.82
N SER A 207 6.48 21.91 15.10
CA SER A 207 6.39 20.54 15.59
C SER A 207 7.44 20.23 16.66
N LYS A 208 7.16 19.20 17.47
CA LYS A 208 8.05 18.62 18.47
C LYS A 208 9.35 18.15 17.77
N ASP A 209 9.22 17.50 16.60
CA ASP A 209 10.33 17.01 15.77
C ASP A 209 11.24 18.16 15.33
N VAL A 210 10.66 19.31 14.88
CA VAL A 210 11.42 20.51 14.52
C VAL A 210 12.12 21.09 15.76
N ALA A 211 11.37 21.27 16.86
CA ALA A 211 11.89 21.79 18.13
C ALA A 211 13.08 20.94 18.66
N LYS A 212 12.97 19.59 18.63
CA LYS A 212 14.04 18.69 19.06
C LYS A 212 15.28 18.83 18.18
N HIS A 213 15.08 18.96 16.83
CA HIS A 213 16.17 19.15 15.87
C HIS A 213 16.92 20.46 16.09
N LEU A 214 16.23 21.47 16.65
CA LEU A 214 16.83 22.75 16.98
C LEU A 214 17.46 22.76 18.39
N GLY A 215 17.47 21.60 19.06
CA GLY A 215 18.06 21.42 20.37
C GLY A 215 17.19 21.71 21.59
N PHE A 216 15.85 21.80 21.40
CA PHE A 216 14.92 22.05 22.49
C PHE A 216 14.37 20.75 23.05
N GLN A 217 14.28 20.65 24.37
CA GLN A 217 13.85 19.42 25.05
C GLN A 217 12.42 19.46 25.64
N SER A 218 11.68 20.56 25.44
CA SER A 218 10.29 20.74 25.89
C SER A 218 9.62 21.83 25.09
N ALA A 219 8.29 21.86 25.11
CA ALA A 219 7.47 22.85 24.41
C ALA A 219 7.74 24.26 24.97
N GLU A 220 7.85 24.41 26.31
CA GLU A 220 8.14 25.70 26.96
C GLU A 220 9.49 26.28 26.53
N GLU A 221 10.50 25.41 26.38
CA GLU A 221 11.87 25.71 25.99
C GLU A 221 11.89 26.18 24.53
N ALA A 222 11.24 25.40 23.64
CA ALA A 222 11.06 25.67 22.21
C ALA A 222 10.38 27.03 21.97
N LEU A 223 9.29 27.31 22.69
CA LEU A 223 8.57 28.57 22.57
C LEU A 223 9.41 29.77 22.97
N ARG A 224 10.08 29.71 24.14
CA ARG A 224 10.97 30.77 24.62
C ARG A 224 12.13 30.98 23.65
N GLY A 225 12.68 29.87 23.13
CA GLY A 225 13.81 29.88 22.21
C GLY A 225 13.51 30.40 20.82
N LEU A 226 12.30 30.12 20.29
CA LEU A 226 11.89 30.49 18.92
C LEU A 226 10.98 31.71 18.80
N TYR A 227 10.45 32.27 19.91
CA TYR A 227 9.52 33.40 19.82
C TYR A 227 10.10 34.63 19.10
N GLY A 228 11.41 34.86 19.24
CA GLY A 228 12.10 35.96 18.58
C GLY A 228 12.04 35.91 17.06
N ARG A 229 11.68 34.74 16.49
CA ARG A 229 11.58 34.49 15.04
C ARG A 229 10.21 34.88 14.43
N VAL A 230 9.18 35.03 15.27
CA VAL A 230 7.83 35.32 14.78
C VAL A 230 7.59 36.81 14.61
N ARG A 231 6.54 37.14 13.84
CA ARG A 231 6.02 38.46 13.50
C ARG A 231 5.43 39.12 14.75
N LYS A 232 5.42 40.47 14.79
CA LYS A 232 4.87 41.23 15.91
C LYS A 232 3.40 40.86 16.13
N GLY A 233 3.08 40.43 17.36
CA GLY A 233 1.71 40.05 17.73
C GLY A 233 1.31 38.61 17.48
N ALA A 234 2.21 37.80 16.86
CA ALA A 234 1.93 36.41 16.56
C ALA A 234 1.94 35.50 17.77
N VAL A 235 1.24 34.37 17.66
CA VAL A 235 1.15 33.33 18.67
C VAL A 235 1.92 32.13 18.13
N LEU A 236 2.88 31.65 18.92
CA LEU A 236 3.70 30.49 18.55
C LEU A 236 3.17 29.29 19.39
N VAL A 237 2.76 28.21 18.72
CA VAL A 237 2.17 26.99 19.30
C VAL A 237 3.08 25.77 19.10
N CYS A 238 3.27 24.95 20.15
CA CYS A 238 4.05 23.73 20.09
C CYS A 238 3.39 22.60 20.90
N ALA A 239 2.83 21.60 20.19
CA ALA A 239 2.25 20.39 20.78
C ALA A 239 3.41 19.39 21.01
N TRP A 240 3.39 18.69 22.13
CA TRP A 240 4.43 17.76 22.53
C TRP A 240 3.86 16.41 22.98
N ALA A 241 3.13 15.75 22.07
CA ALA A 241 2.53 14.41 22.26
C ALA A 241 1.76 14.29 23.59
N GLU A 242 2.13 13.32 24.47
CA GLU A 242 1.48 13.09 25.76
C GLU A 242 1.72 14.22 26.77
N GLU A 243 2.64 15.16 26.46
CA GLU A 243 2.92 16.30 27.33
C GLU A 243 1.98 17.48 27.04
N GLY A 244 1.02 17.28 26.15
CA GLY A 244 0.06 18.32 25.83
C GLY A 244 0.64 19.35 24.89
N ALA A 245 0.21 20.59 25.01
CA ALA A 245 0.66 21.65 24.12
C ALA A 245 0.82 22.94 24.87
N ASP A 246 1.68 23.82 24.33
CA ASP A 246 1.94 25.16 24.83
C ASP A 246 1.76 26.20 23.73
N ALA A 247 1.50 27.44 24.13
CA ALA A 247 1.39 28.56 23.23
C ALA A 247 2.03 29.76 23.92
N LEU A 248 2.57 30.69 23.14
CA LEU A 248 3.20 31.91 23.61
C LEU A 248 2.87 33.06 22.67
N GLY A 249 2.32 34.12 23.25
CA GLY A 249 1.88 35.32 22.56
C GLY A 249 2.67 36.57 22.89
N PRO A 250 2.29 37.73 22.27
CA PRO A 250 3.04 38.98 22.52
C PRO A 250 3.14 39.43 23.97
N ASP A 251 2.20 39.01 24.84
CA ASP A 251 2.20 39.38 26.27
C ASP A 251 3.29 38.65 27.12
N GLY A 252 3.99 37.68 26.53
CA GLY A 252 5.07 36.95 27.18
C GLY A 252 4.65 35.83 28.13
N LYS A 253 3.34 35.60 28.25
CA LYS A 253 2.80 34.57 29.13
C LYS A 253 2.68 33.23 28.44
N LEU A 254 3.43 32.27 28.97
CA LEU A 254 3.43 30.91 28.46
C LEU A 254 2.12 30.25 28.86
N LEU A 255 1.39 29.74 27.87
CA LEU A 255 0.13 29.05 28.09
C LEU A 255 0.34 27.56 27.90
N HIS A 256 -0.31 26.74 28.71
CA HIS A 256 -0.20 25.30 28.62
C HIS A 256 -1.55 24.59 28.70
N SER A 257 -1.63 23.45 28.01
CA SER A 257 -2.75 22.53 28.12
C SER A 257 -2.20 21.12 28.27
N ASP A 258 -2.74 20.35 29.22
CA ASP A 258 -2.35 18.96 29.33
C ASP A 258 -3.03 18.25 28.18
N ALA A 259 -2.50 17.11 27.79
CA ALA A 259 -3.06 16.26 26.77
C ALA A 259 -4.37 15.61 27.31
N PHE A 260 -5.20 15.06 26.40
CA PHE A 260 -6.41 14.31 26.78
C PHE A 260 -6.17 12.89 26.19
N PRO A 261 -5.15 12.10 26.70
CA PRO A 261 -4.89 10.79 26.09
C PRO A 261 -6.06 9.84 26.26
N PRO A 262 -6.35 9.03 25.22
CA PRO A 262 -7.41 8.02 25.36
C PRO A 262 -6.86 6.86 26.23
N PRO A 263 -7.70 6.06 26.92
CA PRO A 263 -7.12 4.94 27.73
C PRO A 263 -6.27 3.98 26.90
N ARG A 264 -6.64 3.80 25.63
CA ARG A 264 -5.90 2.97 24.67
C ARG A 264 -5.65 3.79 23.40
N VAL A 265 -4.40 4.25 23.22
CA VAL A 265 -3.85 4.99 22.07
C VAL A 265 -3.63 3.94 20.95
N VAL A 266 -4.42 4.03 19.87
CA VAL A 266 -4.45 3.04 18.76
C VAL A 266 -3.99 3.59 17.40
N ASP A 267 -4.05 4.94 17.23
CA ASP A 267 -3.67 5.58 15.96
C ASP A 267 -3.35 7.08 16.08
N THR A 268 -2.07 7.43 15.93
CA THR A 268 -1.68 8.85 15.97
C THR A 268 -1.53 9.45 14.59
N LEU A 269 -1.81 8.69 13.51
CA LEU A 269 -1.66 9.23 12.17
C LEU A 269 -2.68 10.33 11.97
N GLY A 270 -2.16 11.55 11.82
CA GLY A 270 -3.00 12.72 11.65
C GLY A 270 -3.46 13.38 12.94
N ALA A 271 -2.85 13.01 14.09
CA ALA A 271 -3.18 13.60 15.39
C ALA A 271 -2.70 15.06 15.45
N GLY A 272 -1.52 15.33 14.87
CA GLY A 272 -0.94 16.67 14.75
C GLY A 272 -1.81 17.58 13.91
N ASP A 273 -2.32 17.07 12.80
CA ASP A 273 -3.22 17.80 11.91
C ASP A 273 -4.57 18.07 12.56
N THR A 274 -5.01 17.15 13.45
CA THR A 274 -6.26 17.25 14.21
C THR A 274 -6.13 18.41 15.20
N PHE A 275 -4.96 18.49 15.88
CA PHE A 275 -4.63 19.54 16.82
C PHE A 275 -4.65 20.90 16.11
N ASN A 276 -3.88 21.02 15.02
CA ASN A 276 -3.79 22.25 14.22
C ASN A 276 -5.15 22.75 13.79
N ALA A 277 -5.98 21.87 13.19
CA ALA A 277 -7.31 22.25 12.71
C ALA A 277 -8.22 22.69 13.83
N SER A 278 -8.16 22.02 14.99
CA SER A 278 -8.99 22.33 16.16
C SER A 278 -8.59 23.64 16.81
N VAL A 279 -7.26 23.94 16.87
CA VAL A 279 -6.75 25.23 17.36
C VAL A 279 -7.27 26.36 16.43
N ILE A 280 -7.08 26.22 15.11
CA ILE A 280 -7.54 27.15 14.08
C ILE A 280 -9.04 27.39 14.24
N PHE A 281 -9.84 26.29 14.29
CA PHE A 281 -11.30 26.35 14.44
C PHE A 281 -11.70 27.16 15.65
N SER A 282 -11.14 26.80 16.79
CA SER A 282 -11.42 27.45 18.06
C SER A 282 -11.06 28.97 18.03
N LEU A 283 -9.90 29.34 17.46
CA LEU A 283 -9.51 30.75 17.30
C LEU A 283 -10.42 31.50 16.31
N SER A 284 -10.78 30.86 15.18
CA SER A 284 -11.67 31.47 14.19
C SER A 284 -13.10 31.71 14.75
N GLN A 285 -13.47 31.00 15.84
CA GLN A 285 -14.73 31.10 16.57
C GLN A 285 -14.65 32.18 17.66
N GLY A 286 -13.50 32.85 17.76
CA GLY A 286 -13.28 33.95 18.71
C GLY A 286 -12.88 33.53 20.10
N ARG A 287 -12.49 32.25 20.29
CA ARG A 287 -12.11 31.77 21.61
C ARG A 287 -10.72 32.22 21.94
N SER A 288 -10.39 32.24 23.23
CA SER A 288 -9.06 32.66 23.65
C SER A 288 -7.99 31.62 23.24
N VAL A 289 -6.69 32.00 23.32
CA VAL A 289 -5.60 31.09 23.00
C VAL A 289 -5.60 29.91 23.96
N GLN A 290 -5.86 30.17 25.27
CA GLN A 290 -5.96 29.12 26.30
C GLN A 290 -7.06 28.10 25.97
N GLU A 291 -8.24 28.58 25.57
CA GLU A 291 -9.34 27.69 25.18
C GLU A 291 -9.06 26.93 23.91
N ALA A 292 -8.44 27.58 22.90
CA ALA A 292 -8.06 26.94 21.63
C ALA A 292 -7.01 25.81 21.83
N LEU A 293 -6.01 26.03 22.72
CA LEU A 293 -4.97 25.07 23.09
C LEU A 293 -5.62 23.81 23.68
N ARG A 294 -6.51 23.98 24.71
CA ARG A 294 -7.26 22.93 25.40
C ARG A 294 -8.11 22.13 24.42
N PHE A 295 -8.86 22.84 23.55
CA PHE A 295 -9.72 22.24 22.54
C PHE A 295 -8.92 21.40 21.54
N GLY A 296 -7.79 21.93 21.08
CA GLY A 296 -6.85 21.22 20.22
C GLY A 296 -6.38 19.90 20.83
N CYS A 297 -5.99 19.93 22.10
CA CYS A 297 -5.55 18.74 22.84
C CYS A 297 -6.72 17.76 23.01
N GLN A 298 -7.93 18.29 23.18
CA GLN A 298 -9.14 17.52 23.39
C GLN A 298 -9.48 16.68 22.20
N VAL A 299 -9.56 17.31 21.04
CA VAL A 299 -9.92 16.68 19.77
C VAL A 299 -8.79 15.75 19.30
N ALA A 300 -7.51 16.21 19.39
CA ALA A 300 -6.33 15.39 19.04
C ALA A 300 -6.26 14.12 19.88
N GLY A 301 -6.61 14.22 21.17
CA GLY A 301 -6.63 13.12 22.12
C GLY A 301 -7.69 12.11 21.80
N LYS A 302 -8.92 12.59 21.48
CA LYS A 302 -10.05 11.74 21.08
C LYS A 302 -9.64 10.92 19.83
N LYS A 303 -9.08 11.61 18.81
CA LYS A 303 -8.58 10.99 17.56
C LYS A 303 -7.64 9.79 17.81
N CYS A 304 -6.72 9.89 18.79
CA CYS A 304 -5.71 8.88 19.09
C CYS A 304 -6.28 7.53 19.59
N GLY A 305 -7.51 7.54 20.07
CA GLY A 305 -8.24 6.36 20.52
C GLY A 305 -9.13 5.76 19.46
N LEU A 306 -9.06 6.30 18.22
CA LEU A 306 -9.87 5.84 17.10
C LEU A 306 -9.00 5.64 15.86
N GLN A 307 -9.43 4.78 14.92
CA GLN A 307 -8.77 4.61 13.62
C GLN A 307 -9.43 5.63 12.66
N GLY A 308 -8.62 6.48 12.06
CA GLY A 308 -9.15 7.52 11.18
C GLY A 308 -9.74 8.71 11.89
N PHE A 309 -10.69 9.39 11.25
CA PHE A 309 -11.24 10.62 11.79
C PHE A 309 -12.69 10.56 12.19
N ASP A 310 -13.42 9.49 11.87
CA ASP A 310 -14.84 9.40 12.27
C ASP A 310 -14.99 9.27 13.79
N GLY A 311 -15.89 10.06 14.36
CA GLY A 311 -16.18 10.02 15.79
C GLY A 311 -15.34 10.91 16.67
N ILE A 312 -14.49 11.80 16.09
CA ILE A 312 -13.66 12.72 16.85
C ILE A 312 -14.48 13.85 17.53
N VAL A 313 -15.71 14.10 17.05
CA VAL A 313 -16.63 15.12 17.57
C VAL A 313 -17.92 14.40 17.94
N GLY B 13 -16.88 -12.47 -23.67
CA GLY B 13 -17.07 -13.06 -24.99
C GLY B 13 -16.96 -14.58 -25.04
N LEU B 14 -17.17 -15.13 -26.26
CA LEU B 14 -17.11 -16.55 -26.59
C LEU B 14 -15.69 -17.06 -26.44
N VAL B 15 -15.53 -18.08 -25.57
CA VAL B 15 -14.27 -18.73 -25.32
C VAL B 15 -14.43 -20.09 -25.97
N PRO B 16 -13.59 -20.45 -26.97
CA PRO B 16 -13.73 -21.78 -27.59
C PRO B 16 -13.47 -22.90 -26.57
N ARG B 17 -14.23 -24.01 -26.69
CA ARG B 17 -14.12 -25.21 -25.86
C ARG B 17 -12.67 -25.74 -25.82
N GLY B 18 -12.23 -26.12 -24.63
CA GLY B 18 -10.93 -26.72 -24.34
C GLY B 18 -9.73 -25.91 -24.77
N SER B 19 -9.81 -24.58 -24.65
CA SER B 19 -8.74 -23.70 -25.12
C SER B 19 -7.92 -22.99 -24.04
N GLN B 20 -8.47 -22.79 -22.84
CA GLN B 20 -7.77 -22.04 -21.80
C GLN B 20 -7.05 -22.84 -20.75
N ILE B 21 -6.06 -22.22 -20.13
CA ILE B 21 -5.34 -22.71 -18.96
C ILE B 21 -5.86 -21.83 -17.80
N LEU B 22 -6.51 -22.47 -16.81
CA LEU B 22 -7.04 -21.78 -15.66
C LEU B 22 -6.04 -21.88 -14.52
N CYS B 23 -5.74 -20.76 -13.83
CA CYS B 23 -4.90 -20.71 -12.61
C CYS B 23 -5.75 -20.22 -11.47
N VAL B 24 -5.89 -21.07 -10.44
CA VAL B 24 -6.66 -20.84 -9.20
C VAL B 24 -5.68 -20.57 -8.06
N GLY B 25 -5.83 -19.41 -7.42
CA GLY B 25 -5.00 -19.03 -6.28
C GLY B 25 -5.15 -17.58 -5.91
N LEU B 26 -4.04 -16.99 -5.41
CA LEU B 26 -3.90 -15.63 -4.89
C LEU B 26 -3.53 -14.53 -5.91
N VAL B 27 -4.17 -13.37 -5.75
CA VAL B 27 -3.81 -12.12 -6.40
C VAL B 27 -3.63 -11.15 -5.23
N VAL B 28 -2.52 -10.45 -5.17
CA VAL B 28 -2.22 -9.49 -4.10
C VAL B 28 -1.66 -8.20 -4.72
N LEU B 29 -1.90 -7.06 -4.05
CA LEU B 29 -1.29 -5.81 -4.47
C LEU B 29 -0.03 -5.64 -3.65
N ASP B 30 1.10 -5.69 -4.32
CA ASP B 30 2.41 -5.52 -3.68
C ASP B 30 2.85 -4.08 -3.87
N VAL B 31 2.96 -3.39 -2.75
CA VAL B 31 3.45 -2.02 -2.69
C VAL B 31 4.90 -2.18 -2.24
N ILE B 32 5.88 -1.90 -3.13
CA ILE B 32 7.32 -2.05 -2.87
C ILE B 32 8.01 -0.69 -2.83
N SER B 33 8.62 -0.34 -1.66
CA SER B 33 9.31 0.91 -1.39
C SER B 33 10.77 0.65 -1.17
N LEU B 34 11.63 1.33 -1.93
CA LEU B 34 13.07 1.21 -1.79
C LEU B 34 13.55 2.37 -0.93
N VAL B 35 14.20 2.05 0.20
CA VAL B 35 14.66 3.04 1.18
C VAL B 35 16.18 3.00 1.38
N ASP B 36 16.79 4.14 1.78
CA ASP B 36 18.24 4.30 2.08
C ASP B 36 18.61 3.45 3.29
N LYS B 37 17.80 3.61 4.37
CA LYS B 37 17.89 2.89 5.63
C LYS B 37 16.47 2.51 6.11
N TYR B 38 16.38 1.45 6.93
CA TYR B 38 15.13 0.98 7.51
C TYR B 38 14.53 2.05 8.44
N PRO B 39 13.24 2.42 8.25
CA PRO B 39 12.67 3.48 9.10
C PRO B 39 12.55 3.08 10.55
N LYS B 40 12.84 4.04 11.43
CA LYS B 40 12.70 3.86 12.86
C LYS B 40 11.21 4.11 13.15
N GLU B 41 10.60 3.31 14.04
CA GLU B 41 9.20 3.45 14.39
C GLU B 41 8.84 4.90 14.78
N ASP B 42 7.68 5.39 14.25
CA ASP B 42 7.09 6.71 14.45
C ASP B 42 7.80 7.81 13.62
N SER B 43 8.59 7.40 12.64
CA SER B 43 9.27 8.35 11.77
C SER B 43 8.57 8.52 10.41
N GLU B 44 8.86 9.64 9.75
CA GLU B 44 8.35 10.02 8.45
C GLU B 44 9.56 10.16 7.53
N ILE B 45 9.72 9.18 6.69
CA ILE B 45 10.82 9.12 5.73
C ILE B 45 10.32 9.13 4.29
N ARG B 46 11.24 9.43 3.38
CA ARG B 46 11.00 9.49 1.96
C ARG B 46 11.70 8.31 1.33
N CYS B 47 10.99 7.57 0.47
CA CYS B 47 11.62 6.43 -0.19
C CYS B 47 12.35 6.93 -1.45
N LEU B 48 13.30 6.13 -1.94
CA LEU B 48 14.05 6.43 -3.15
C LEU B 48 13.14 6.21 -4.36
N SER B 49 12.40 5.10 -4.36
CA SER B 49 11.45 4.71 -5.41
C SER B 49 10.34 3.82 -4.84
N GLN B 50 9.15 3.86 -5.42
CA GLN B 50 8.01 3.06 -4.97
C GLN B 50 7.26 2.50 -6.18
N ARG B 51 6.90 1.20 -6.15
CA ARG B 51 6.15 0.59 -7.23
C ARG B 51 5.00 -0.28 -6.69
N TRP B 52 3.87 -0.25 -7.41
CA TRP B 52 2.67 -1.03 -7.19
C TRP B 52 2.72 -2.10 -8.22
N GLN B 53 2.72 -3.36 -7.76
CA GLN B 53 2.82 -4.56 -8.57
C GLN B 53 1.72 -5.54 -8.25
N ARG B 54 1.23 -6.27 -9.26
CA ARG B 54 0.26 -7.35 -9.06
C ARG B 54 1.11 -8.58 -8.72
N GLY B 55 0.80 -9.27 -7.64
CA GLY B 55 1.54 -10.47 -7.25
C GLY B 55 0.60 -11.62 -7.01
N GLY B 56 1.11 -12.65 -6.34
CA GLY B 56 0.34 -13.87 -6.07
C GLY B 56 0.86 -14.92 -7.02
N ASN B 57 1.01 -16.17 -6.56
CA ASN B 57 1.57 -17.26 -7.39
C ASN B 57 0.77 -17.53 -8.63
N ALA B 58 -0.55 -17.82 -8.47
CA ALA B 58 -1.46 -18.13 -9.59
C ALA B 58 -1.55 -16.94 -10.54
N SER B 59 -1.54 -15.73 -9.97
CA SER B 59 -1.59 -14.45 -10.67
C SER B 59 -0.32 -14.28 -11.54
N ASN B 60 0.86 -14.52 -10.97
CA ASN B 60 2.14 -14.46 -11.69
C ASN B 60 2.20 -15.48 -12.85
N SER B 61 1.75 -16.72 -12.59
CA SER B 61 1.68 -17.80 -13.61
C SER B 61 0.81 -17.41 -14.81
N CYS B 62 -0.29 -16.70 -14.57
CA CYS B 62 -1.18 -16.18 -15.62
C CYS B 62 -0.47 -15.23 -16.53
N THR B 63 0.27 -14.25 -15.96
CA THR B 63 1.10 -13.30 -16.71
C THR B 63 1.99 -14.05 -17.68
N VAL B 64 2.76 -15.02 -17.17
CA VAL B 64 3.72 -15.84 -17.91
C VAL B 64 3.02 -16.63 -19.02
N LEU B 65 1.87 -17.28 -18.71
CA LEU B 65 1.09 -18.02 -19.71
C LEU B 65 0.67 -17.14 -20.85
N SER B 66 0.20 -15.90 -20.57
CA SER B 66 -0.16 -14.94 -21.62
C SER B 66 1.02 -14.57 -22.49
N LEU B 67 2.16 -14.28 -21.87
CA LEU B 67 3.40 -13.95 -22.59
C LEU B 67 3.91 -15.13 -23.40
N LEU B 68 3.63 -16.37 -22.95
CA LEU B 68 3.98 -17.59 -23.68
C LEU B 68 3.09 -17.83 -24.92
N GLY B 69 1.96 -17.15 -24.99
CA GLY B 69 1.02 -17.26 -26.11
C GLY B 69 -0.17 -18.15 -25.81
N ALA B 70 -0.39 -18.46 -24.53
CA ALA B 70 -1.52 -19.29 -24.11
C ALA B 70 -2.71 -18.46 -23.64
N PRO B 71 -3.92 -18.77 -24.15
CA PRO B 71 -5.13 -18.12 -23.57
C PRO B 71 -5.24 -18.62 -22.12
N CYS B 72 -5.40 -17.70 -21.19
CA CYS B 72 -5.44 -18.08 -19.80
C CYS B 72 -6.38 -17.27 -19.02
N ALA B 73 -6.85 -17.90 -17.93
CA ALA B 73 -7.81 -17.33 -17.04
C ALA B 73 -7.33 -17.41 -15.61
N PHE B 74 -7.72 -16.41 -14.82
CA PHE B 74 -7.41 -16.42 -13.40
C PHE B 74 -8.69 -16.56 -12.60
N MET B 75 -8.65 -17.42 -11.59
CA MET B 75 -9.70 -17.59 -10.61
C MET B 75 -9.12 -17.38 -9.21
N GLY B 76 -9.64 -16.39 -8.54
CA GLY B 76 -9.23 -16.04 -7.20
C GLY B 76 -10.21 -15.03 -6.65
N SER B 77 -10.12 -14.76 -5.36
CA SER B 77 -11.00 -13.83 -4.64
C SER B 77 -10.56 -12.37 -4.75
N MET B 78 -11.55 -11.49 -4.96
CA MET B 78 -11.34 -10.05 -5.02
C MET B 78 -12.55 -9.37 -4.38
N ALA B 79 -12.36 -8.20 -3.77
CA ALA B 79 -13.46 -7.40 -3.21
C ALA B 79 -13.55 -6.13 -4.07
N PRO B 80 -14.76 -5.71 -4.50
CA PRO B 80 -14.88 -4.43 -5.27
C PRO B 80 -14.21 -3.26 -4.55
N GLY B 81 -13.48 -2.46 -5.31
CA GLY B 81 -12.74 -1.33 -4.76
C GLY B 81 -11.59 -0.92 -5.63
N HIS B 82 -10.86 0.11 -5.21
CA HIS B 82 -9.76 0.67 -5.99
C HIS B 82 -8.56 -0.25 -6.13
N VAL B 83 -8.31 -1.13 -5.16
CA VAL B 83 -7.22 -2.12 -5.20
C VAL B 83 -7.49 -3.15 -6.30
N ALA B 84 -8.69 -3.77 -6.30
CA ALA B 84 -9.17 -4.72 -7.28
C ALA B 84 -9.14 -4.10 -8.67
N ASP B 85 -9.55 -2.83 -8.79
CA ASP B 85 -9.53 -2.07 -10.04
C ASP B 85 -8.12 -2.03 -10.61
N PHE B 86 -7.09 -1.77 -9.76
CA PHE B 86 -5.70 -1.75 -10.16
C PHE B 86 -5.27 -3.14 -10.65
N LEU B 87 -5.63 -4.18 -9.87
CA LEU B 87 -5.27 -5.57 -10.15
C LEU B 87 -5.91 -6.08 -11.45
N VAL B 88 -7.19 -5.75 -11.67
CA VAL B 88 -7.95 -6.12 -12.88
C VAL B 88 -7.34 -5.44 -14.11
N ALA B 89 -7.03 -4.14 -14.00
CA ALA B 89 -6.41 -3.39 -15.10
C ALA B 89 -5.01 -3.98 -15.42
N ASP B 90 -4.27 -4.43 -14.38
CA ASP B 90 -2.96 -5.04 -14.56
C ASP B 90 -3.04 -6.46 -15.20
N PHE B 91 -4.07 -7.26 -14.84
CA PHE B 91 -4.40 -8.56 -15.43
C PHE B 91 -4.71 -8.36 -16.89
N ARG B 92 -5.56 -7.38 -17.20
CA ARG B 92 -5.97 -7.04 -18.57
C ARG B 92 -4.77 -6.56 -19.40
N ARG B 93 -3.90 -5.70 -18.81
CA ARG B 93 -2.68 -5.23 -19.45
C ARG B 93 -1.81 -6.46 -19.90
N ARG B 94 -1.90 -7.57 -19.13
CA ARG B 94 -1.22 -8.82 -19.38
C ARG B 94 -2.10 -9.87 -20.09
N GLY B 95 -3.23 -9.46 -20.69
CA GLY B 95 -4.12 -10.31 -21.50
C GLY B 95 -4.76 -11.49 -20.78
N VAL B 96 -4.86 -11.41 -19.44
CA VAL B 96 -5.47 -12.42 -18.58
C VAL B 96 -6.97 -12.20 -18.52
N ASP B 97 -7.74 -13.29 -18.76
CA ASP B 97 -9.22 -13.30 -18.70
C ASP B 97 -9.59 -13.36 -17.21
N VAL B 98 -10.38 -12.39 -16.74
CA VAL B 98 -10.71 -12.24 -15.32
C VAL B 98 -12.22 -12.53 -14.99
N SER B 99 -12.94 -13.14 -15.94
CA SER B 99 -14.37 -13.48 -15.84
C SER B 99 -14.71 -14.49 -14.73
N GLN B 100 -13.73 -15.30 -14.29
CA GLN B 100 -13.92 -16.33 -13.25
C GLN B 100 -13.61 -15.84 -11.84
N VAL B 101 -13.27 -14.56 -11.67
CA VAL B 101 -12.95 -14.03 -10.34
C VAL B 101 -14.15 -14.16 -9.37
N ALA B 102 -13.87 -14.67 -8.16
CA ALA B 102 -14.89 -14.82 -7.13
C ALA B 102 -14.98 -13.52 -6.35
N TRP B 103 -15.88 -12.64 -6.78
CA TRP B 103 -16.13 -11.35 -6.14
C TRP B 103 -16.80 -11.54 -4.78
N GLN B 104 -16.21 -10.91 -3.74
CA GLN B 104 -16.60 -11.02 -2.34
C GLN B 104 -17.28 -9.77 -1.78
N SER B 105 -18.34 -9.96 -0.98
CA SER B 105 -19.10 -8.89 -0.33
C SER B 105 -18.47 -8.50 1.04
N LYS B 106 -17.59 -9.37 1.58
CA LYS B 106 -16.88 -9.17 2.84
C LYS B 106 -15.37 -9.33 2.63
N GLY B 107 -14.59 -8.52 3.33
CA GLY B 107 -13.14 -8.60 3.31
C GLY B 107 -12.48 -7.58 2.41
N ASP B 108 -11.16 -7.49 2.54
CA ASP B 108 -10.27 -6.60 1.79
C ASP B 108 -9.54 -7.39 0.71
N THR B 109 -9.38 -6.80 -0.51
CA THR B 109 -8.57 -7.40 -1.57
C THR B 109 -7.15 -7.38 -1.01
N PRO B 110 -6.39 -8.51 -1.05
CA PRO B 110 -5.06 -8.53 -0.47
C PRO B 110 -4.11 -7.45 -0.98
N SER B 111 -3.46 -6.79 -0.02
CA SER B 111 -2.45 -5.77 -0.26
C SER B 111 -1.28 -6.00 0.71
N SER B 112 -0.05 -5.97 0.21
CA SER B 112 1.17 -6.15 1.00
C SER B 112 2.10 -4.98 0.88
N CYS B 113 2.87 -4.68 1.93
CA CYS B 113 3.80 -3.58 1.94
C CYS B 113 5.19 -4.17 2.13
N CYS B 114 6.06 -3.97 1.13
N CYS B 114 6.06 -3.98 1.12
CA CYS B 114 7.44 -4.42 1.19
CA CYS B 114 7.43 -4.50 1.09
C CYS B 114 8.40 -3.25 1.25
C CYS B 114 8.45 -3.32 1.16
N ILE B 115 9.29 -3.30 2.21
CA ILE B 115 10.31 -2.27 2.40
C ILE B 115 11.65 -2.90 2.08
N ILE B 116 12.29 -2.43 0.99
CA ILE B 116 13.59 -2.92 0.59
C ILE B 116 14.64 -1.91 0.98
N ASN B 117 15.61 -2.34 1.78
CA ASN B 117 16.69 -1.48 2.24
C ASN B 117 17.77 -1.55 1.16
N ASN B 118 18.05 -0.42 0.51
CA ASN B 118 19.01 -0.28 -0.59
C ASN B 118 20.48 -0.44 -0.17
N SER B 119 20.80 -0.22 1.12
CA SER B 119 22.15 -0.33 1.65
C SER B 119 22.59 -1.76 2.01
N ASN B 120 21.66 -2.74 2.06
CA ASN B 120 22.02 -4.12 2.40
C ASN B 120 21.13 -5.18 1.74
N GLY B 121 20.11 -4.74 1.00
CA GLY B 121 19.17 -5.60 0.29
C GLY B 121 18.11 -6.26 1.14
N ASN B 122 18.06 -5.98 2.46
CA ASN B 122 17.04 -6.57 3.36
C ASN B 122 15.62 -6.24 2.87
N ARG B 123 14.74 -7.24 2.90
CA ARG B 123 13.33 -7.14 2.52
C ARG B 123 12.47 -7.37 3.77
N THR B 124 11.68 -6.34 4.19
CA THR B 124 10.76 -6.41 5.32
C THR B 124 9.34 -6.41 4.72
N ILE B 125 8.50 -7.41 5.10
CA ILE B 125 7.18 -7.55 4.50
C ILE B 125 6.07 -7.46 5.53
N VAL B 126 5.09 -6.60 5.28
CA VAL B 126 3.87 -6.51 6.06
C VAL B 126 2.80 -7.15 5.16
N LEU B 127 2.56 -8.46 5.39
CA LEU B 127 1.65 -9.31 4.62
C LEU B 127 0.21 -8.86 4.72
N HIS B 128 -0.57 -9.16 3.67
CA HIS B 128 -2.00 -8.86 3.55
C HIS B 128 -2.76 -9.45 4.70
N ASP B 129 -3.87 -8.86 5.04
CA ASP B 129 -4.67 -9.40 6.13
C ASP B 129 -5.42 -10.69 5.66
N THR B 130 -6.07 -11.40 6.60
CA THR B 130 -6.75 -12.66 6.29
C THR B 130 -8.27 -12.50 6.12
N SER B 131 -8.75 -11.25 5.94
CA SER B 131 -10.17 -10.91 5.88
C SER B 131 -10.96 -11.45 4.68
N LEU B 132 -10.32 -11.59 3.53
CA LEU B 132 -11.02 -12.02 2.33
C LEU B 132 -11.20 -13.54 2.27
N PRO B 133 -12.43 -14.03 2.02
CA PRO B 133 -12.61 -15.50 1.94
C PRO B 133 -11.98 -16.05 0.67
N ASP B 134 -11.36 -17.22 0.78
CA ASP B 134 -10.75 -17.92 -0.35
C ASP B 134 -11.82 -18.50 -1.28
N VAL B 135 -11.42 -18.89 -2.51
CA VAL B 135 -12.34 -19.52 -3.48
C VAL B 135 -12.85 -20.81 -2.84
N SER B 136 -14.17 -21.01 -2.84
CA SER B 136 -14.74 -22.21 -2.22
C SER B 136 -15.13 -23.25 -3.24
N ALA B 137 -15.36 -24.49 -2.80
CA ALA B 137 -15.78 -25.58 -3.65
C ALA B 137 -17.14 -25.24 -4.28
N THR B 138 -17.98 -24.44 -3.58
CA THR B 138 -19.29 -24.05 -4.08
C THR B 138 -19.12 -22.92 -5.12
N ASP B 139 -18.10 -22.06 -4.99
CA ASP B 139 -17.78 -21.06 -6.03
C ASP B 139 -17.29 -21.80 -7.29
N PHE B 140 -16.39 -22.81 -7.12
CA PHE B 140 -15.85 -23.61 -8.20
C PHE B 140 -16.92 -24.44 -8.94
N GLU B 141 -17.94 -24.90 -8.21
CA GLU B 141 -19.07 -25.72 -8.71
C GLU B 141 -19.89 -24.97 -9.78
N LYS B 142 -19.91 -23.62 -9.71
CA LYS B 142 -20.62 -22.69 -10.60
C LYS B 142 -19.87 -22.46 -11.92
N VAL B 143 -18.65 -22.95 -12.04
CA VAL B 143 -17.80 -22.76 -13.22
C VAL B 143 -18.05 -23.87 -14.24
N ASP B 144 -18.37 -23.48 -15.48
CA ASP B 144 -18.49 -24.39 -16.60
C ASP B 144 -17.01 -24.61 -17.03
N LEU B 145 -16.59 -25.87 -16.89
CA LEU B 145 -15.23 -26.32 -17.14
C LEU B 145 -14.85 -26.57 -18.60
N THR B 146 -15.84 -26.64 -19.51
CA THR B 146 -15.61 -26.99 -20.93
C THR B 146 -14.61 -26.11 -21.66
N GLN B 147 -14.47 -24.82 -21.27
CA GLN B 147 -13.53 -23.91 -21.94
C GLN B 147 -12.05 -24.11 -21.52
N PHE B 148 -11.79 -24.99 -20.53
CA PHE B 148 -10.43 -25.23 -20.03
C PHE B 148 -9.83 -26.52 -20.50
N LYS B 149 -8.56 -26.48 -20.94
CA LYS B 149 -7.80 -27.68 -21.34
C LYS B 149 -6.87 -28.12 -20.17
N TRP B 150 -6.57 -27.19 -19.24
CA TRP B 150 -5.67 -27.37 -18.10
C TRP B 150 -6.15 -26.50 -16.93
N ILE B 151 -6.18 -27.05 -15.71
CA ILE B 151 -6.52 -26.31 -14.49
C ILE B 151 -5.37 -26.44 -13.51
N HIS B 152 -4.73 -25.30 -13.15
CA HIS B 152 -3.65 -25.25 -12.17
C HIS B 152 -4.15 -24.67 -10.85
N ILE B 153 -3.95 -25.42 -9.74
CA ILE B 153 -4.38 -24.97 -8.42
C ILE B 153 -3.19 -24.66 -7.51
N GLU B 154 -3.10 -23.42 -7.01
CA GLU B 154 -2.10 -22.97 -6.04
C GLU B 154 -2.65 -23.38 -4.67
N GLY B 155 -1.99 -24.33 -4.01
CA GLY B 155 -2.41 -24.86 -2.70
C GLY B 155 -2.58 -23.80 -1.63
N ARG B 156 -3.80 -23.68 -1.10
CA ARG B 156 -4.15 -22.66 -0.11
C ARG B 156 -5.09 -23.27 0.91
N ASN B 157 -6.42 -23.22 0.70
CA ASN B 157 -7.50 -23.78 1.52
C ASN B 157 -7.74 -25.21 1.01
N ALA B 158 -6.86 -26.13 1.43
CA ALA B 158 -6.75 -27.51 0.93
C ALA B 158 -8.02 -28.33 0.99
N SER B 159 -8.74 -28.34 2.12
CA SER B 159 -9.99 -29.12 2.21
C SER B 159 -11.04 -28.69 1.16
N GLU B 160 -11.12 -27.38 0.85
CA GLU B 160 -12.02 -26.87 -0.18
C GLU B 160 -11.52 -27.18 -1.58
N GLN B 161 -10.20 -27.05 -1.80
CA GLN B 161 -9.54 -27.32 -3.08
C GLN B 161 -9.59 -28.79 -3.48
N VAL B 162 -9.58 -29.71 -2.50
CA VAL B 162 -9.70 -31.16 -2.70
C VAL B 162 -11.04 -31.47 -3.39
N LYS B 163 -12.11 -30.80 -2.93
CA LYS B 163 -13.46 -30.91 -3.49
C LYS B 163 -13.49 -30.43 -4.95
N MET B 164 -12.75 -29.32 -5.27
CA MET B 164 -12.62 -28.74 -6.61
C MET B 164 -11.93 -29.77 -7.53
N LEU B 165 -10.87 -30.43 -7.03
CA LEU B 165 -10.11 -31.46 -7.72
C LEU B 165 -10.96 -32.72 -7.98
N GLN B 166 -11.81 -33.10 -7.01
CA GLN B 166 -12.74 -34.23 -7.15
C GLN B 166 -13.79 -33.94 -8.25
N ARG B 167 -14.20 -32.67 -8.38
CA ARG B 167 -15.15 -32.23 -9.39
C ARG B 167 -14.54 -32.35 -10.81
N ILE B 168 -13.24 -32.01 -10.97
CA ILE B 168 -12.52 -32.13 -12.24
C ILE B 168 -12.37 -33.62 -12.58
N ASP B 169 -12.09 -34.47 -11.59
CA ASP B 169 -12.01 -35.92 -11.81
C ASP B 169 -13.35 -36.46 -12.32
N ALA B 170 -14.46 -36.03 -11.68
CA ALA B 170 -15.80 -36.47 -12.07
C ALA B 170 -16.12 -36.05 -13.53
N HIS B 171 -15.76 -34.80 -13.88
CA HIS B 171 -15.90 -34.25 -15.23
C HIS B 171 -15.14 -35.13 -16.23
N ASN B 172 -13.88 -35.44 -15.91
CA ASN B 172 -12.97 -36.23 -16.73
C ASN B 172 -13.44 -37.65 -16.96
N THR B 173 -14.03 -38.29 -15.94
CA THR B 173 -14.60 -39.66 -16.02
C THR B 173 -15.61 -39.80 -17.16
N ARG B 174 -16.35 -38.74 -17.45
CA ARG B 174 -17.37 -38.76 -18.51
C ARG B 174 -16.85 -38.17 -19.86
N GLN B 175 -15.53 -37.90 -19.98
CA GLN B 175 -14.96 -37.31 -21.19
C GLN B 175 -14.15 -38.27 -22.02
N PRO B 176 -14.18 -38.17 -23.38
CA PRO B 176 -13.24 -38.96 -24.19
C PRO B 176 -11.81 -38.51 -23.87
N PRO B 177 -10.76 -39.35 -23.99
CA PRO B 177 -9.39 -38.91 -23.63
C PRO B 177 -8.92 -37.56 -24.23
N GLU B 178 -9.41 -37.20 -25.44
CA GLU B 178 -9.05 -35.94 -26.13
C GLU B 178 -9.67 -34.69 -25.48
N GLN B 179 -10.73 -34.86 -24.68
CA GLN B 179 -11.44 -33.79 -24.01
C GLN B 179 -11.29 -33.78 -22.49
N LYS B 180 -10.28 -34.51 -22.00
CA LYS B 180 -9.94 -34.55 -20.58
C LYS B 180 -9.12 -33.33 -20.19
N ILE B 181 -9.48 -32.71 -19.07
CA ILE B 181 -8.79 -31.54 -18.52
C ILE B 181 -7.58 -32.02 -17.69
N ARG B 182 -6.39 -31.55 -18.05
CA ARG B 182 -5.17 -31.83 -17.32
C ARG B 182 -5.11 -30.96 -16.07
N VAL B 183 -4.56 -31.52 -14.99
CA VAL B 183 -4.55 -30.85 -13.70
C VAL B 183 -3.16 -30.78 -13.12
N SER B 184 -2.84 -29.62 -12.56
CA SER B 184 -1.59 -29.41 -11.84
C SER B 184 -1.90 -28.76 -10.51
N VAL B 185 -1.05 -29.06 -9.53
CA VAL B 185 -1.19 -28.59 -8.15
C VAL B 185 0.19 -28.07 -7.71
N GLU B 186 0.24 -26.95 -6.97
CA GLU B 186 1.46 -26.42 -6.39
C GLU B 186 1.34 -26.42 -4.87
N VAL B 187 2.30 -27.08 -4.19
CA VAL B 187 2.45 -27.11 -2.73
C VAL B 187 3.74 -26.27 -2.50
N GLU B 188 3.54 -24.97 -2.26
CA GLU B 188 4.65 -24.01 -2.11
C GLU B 188 4.88 -23.52 -0.66
N LYS B 189 3.85 -23.57 0.19
CA LYS B 189 3.98 -23.14 1.58
C LYS B 189 4.09 -24.37 2.51
N PRO B 190 5.04 -24.35 3.49
CA PRO B 190 5.22 -25.53 4.35
C PRO B 190 4.16 -25.65 5.47
N ARG B 191 2.90 -25.83 5.04
CA ARG B 191 1.72 -25.97 5.89
C ARG B 191 1.21 -27.38 5.70
N GLU B 192 1.04 -28.11 6.80
CA GLU B 192 0.57 -29.50 6.84
C GLU B 192 -0.77 -29.73 6.11
N GLU B 193 -1.71 -28.74 6.17
CA GLU B 193 -3.02 -28.77 5.52
C GLU B 193 -2.87 -29.08 4.03
N LEU B 194 -1.83 -28.51 3.40
CA LEU B 194 -1.51 -28.61 1.98
C LEU B 194 -0.96 -29.96 1.51
N PHE B 195 -0.36 -30.75 2.40
CA PHE B 195 0.28 -32.00 2.04
C PHE B 195 -0.70 -33.07 1.51
N GLN B 196 -2.01 -32.90 1.77
CA GLN B 196 -3.05 -33.79 1.23
C GLN B 196 -3.24 -33.58 -0.28
N LEU B 197 -2.78 -32.40 -0.81
CA LEU B 197 -2.91 -32.05 -2.22
C LEU B 197 -1.92 -32.80 -3.13
N PHE B 198 -0.92 -33.51 -2.54
CA PHE B 198 0.04 -34.33 -3.30
C PHE B 198 -0.68 -35.45 -4.04
N GLY B 199 -1.76 -35.99 -3.44
CA GLY B 199 -2.56 -37.08 -3.99
C GLY B 199 -3.51 -36.72 -5.11
N TYR B 200 -3.45 -35.46 -5.58
CA TYR B 200 -4.30 -34.93 -6.64
C TYR B 200 -3.46 -34.33 -7.74
N GLY B 201 -4.00 -34.33 -8.97
CA GLY B 201 -3.32 -33.74 -10.12
C GLY B 201 -2.44 -34.69 -10.89
N ASP B 202 -2.29 -34.40 -12.20
CA ASP B 202 -1.42 -35.11 -13.14
C ASP B 202 0.03 -34.70 -12.93
N VAL B 203 0.23 -33.44 -12.52
CA VAL B 203 1.51 -32.79 -12.24
C VAL B 203 1.42 -32.11 -10.87
N VAL B 204 2.40 -32.38 -10.00
CA VAL B 204 2.49 -31.84 -8.64
C VAL B 204 3.82 -31.10 -8.54
N PHE B 205 3.76 -29.80 -8.28
CA PHE B 205 4.93 -28.98 -8.06
C PHE B 205 5.09 -28.82 -6.54
N VAL B 206 6.27 -29.22 -6.03
CA VAL B 206 6.64 -29.06 -4.64
C VAL B 206 7.81 -28.07 -4.60
N SER B 207 7.73 -27.05 -3.74
CA SER B 207 8.83 -26.08 -3.66
C SER B 207 10.04 -26.60 -2.89
N LYS B 208 11.20 -25.97 -3.15
CA LYS B 208 12.47 -26.20 -2.44
C LYS B 208 12.27 -25.92 -0.93
N ASP B 209 11.55 -24.83 -0.61
CA ASP B 209 11.20 -24.41 0.76
C ASP B 209 10.38 -25.50 1.49
N VAL B 210 9.36 -26.08 0.82
CA VAL B 210 8.57 -27.20 1.37
C VAL B 210 9.44 -28.42 1.56
N ALA B 211 10.20 -28.81 0.51
CA ALA B 211 11.11 -29.97 0.55
C ALA B 211 12.12 -29.86 1.72
N LYS B 212 12.74 -28.67 1.92
CA LYS B 212 13.70 -28.44 3.02
C LYS B 212 13.02 -28.56 4.39
N HIS B 213 11.78 -28.04 4.53
CA HIS B 213 10.99 -28.15 5.76
C HIS B 213 10.63 -29.58 6.10
N LEU B 214 10.52 -30.44 5.08
CA LEU B 214 10.26 -31.88 5.27
C LEU B 214 11.55 -32.68 5.49
N GLY B 215 12.69 -31.99 5.57
CA GLY B 215 14.00 -32.58 5.83
C GLY B 215 14.78 -33.09 4.64
N PHE B 216 14.40 -32.65 3.42
CA PHE B 216 15.09 -33.06 2.20
C PHE B 216 16.14 -32.03 1.83
N GLN B 217 17.33 -32.51 1.43
CA GLN B 217 18.46 -31.64 1.13
C GLN B 217 18.77 -31.45 -0.37
N SER B 218 17.97 -32.06 -1.27
CA SER B 218 18.10 -31.96 -2.73
C SER B 218 16.79 -32.30 -3.40
N ALA B 219 16.64 -31.91 -4.69
CA ALA B 219 15.45 -32.17 -5.50
C ALA B 219 15.28 -33.67 -5.70
N GLU B 220 16.39 -34.43 -5.79
CA GLU B 220 16.40 -35.88 -5.89
C GLU B 220 15.86 -36.55 -4.60
N GLU B 221 16.40 -36.18 -3.42
CA GLU B 221 15.92 -36.69 -2.13
C GLU B 221 14.39 -36.39 -1.97
N ALA B 222 13.99 -35.16 -2.30
CA ALA B 222 12.61 -34.71 -2.19
C ALA B 222 11.67 -35.54 -3.09
N LEU B 223 12.03 -35.72 -4.38
CA LEU B 223 11.22 -36.50 -5.31
C LEU B 223 11.11 -37.97 -4.90
N ARG B 224 12.25 -38.60 -4.56
CA ARG B 224 12.27 -39.99 -4.10
C ARG B 224 11.50 -40.16 -2.79
N GLY B 225 11.63 -39.18 -1.90
CA GLY B 225 10.99 -39.17 -0.59
C GLY B 225 9.50 -38.95 -0.61
N LEU B 226 9.00 -38.09 -1.54
CA LEU B 226 7.59 -37.72 -1.64
C LEU B 226 6.77 -38.39 -2.74
N TYR B 227 7.41 -39.14 -3.68
CA TYR B 227 6.66 -39.76 -4.78
C TYR B 227 5.53 -40.70 -4.32
N GLY B 228 5.71 -41.39 -3.20
CA GLY B 228 4.71 -42.27 -2.61
C GLY B 228 3.39 -41.57 -2.26
N ARG B 229 3.41 -40.21 -2.18
CA ARG B 229 2.26 -39.38 -1.80
C ARG B 229 1.37 -39.01 -3.00
N VAL B 230 1.87 -39.16 -4.25
CA VAL B 230 1.12 -38.74 -5.43
C VAL B 230 0.21 -39.86 -5.95
N ARG B 231 -0.82 -39.50 -6.75
CA ARG B 231 -1.74 -40.47 -7.33
C ARG B 231 -1.06 -41.19 -8.51
N LYS B 232 -1.59 -42.37 -8.87
CA LYS B 232 -1.09 -43.27 -9.92
C LYS B 232 -0.97 -42.50 -11.24
N GLY B 233 0.24 -42.53 -11.80
CA GLY B 233 0.56 -41.89 -13.07
C GLY B 233 0.98 -40.44 -13.02
N ALA B 234 0.95 -39.82 -11.82
CA ALA B 234 1.32 -38.39 -11.68
C ALA B 234 2.81 -38.16 -11.77
N VAL B 235 3.16 -36.93 -12.14
CA VAL B 235 4.53 -36.45 -12.27
C VAL B 235 4.77 -35.46 -11.13
N LEU B 236 5.81 -35.70 -10.33
CA LEU B 236 6.18 -34.84 -9.22
C LEU B 236 7.40 -34.01 -9.67
N VAL B 237 7.29 -32.67 -9.63
CA VAL B 237 8.31 -31.70 -10.06
C VAL B 237 8.86 -30.88 -8.88
N CYS B 238 10.20 -30.69 -8.84
CA CYS B 238 10.86 -29.89 -7.81
C CYS B 238 12.03 -29.08 -8.38
N ALA B 239 11.85 -27.76 -8.49
CA ALA B 239 12.89 -26.82 -8.91
C ALA B 239 13.74 -26.48 -7.66
N TRP B 240 15.05 -26.39 -7.83
CA TRP B 240 15.98 -26.12 -6.72
C TRP B 240 16.95 -24.99 -7.07
N ALA B 241 16.38 -23.80 -7.35
CA ALA B 241 17.09 -22.56 -7.70
C ALA B 241 18.22 -22.77 -8.76
N GLU B 242 19.50 -22.46 -8.42
CA GLU B 242 20.67 -22.62 -9.29
C GLU B 242 21.00 -24.07 -9.59
N GLU B 243 20.39 -25.02 -8.86
CA GLU B 243 20.63 -26.46 -9.11
C GLU B 243 19.69 -27.03 -10.19
N GLY B 244 18.90 -26.16 -10.81
CA GLY B 244 17.97 -26.56 -11.85
C GLY B 244 16.73 -27.21 -11.29
N ALA B 245 16.17 -28.15 -12.04
CA ALA B 245 14.93 -28.80 -11.62
C ALA B 245 14.94 -30.26 -11.96
N ASP B 246 14.14 -31.02 -11.20
CA ASP B 246 13.95 -32.44 -11.40
C ASP B 246 12.46 -32.78 -11.51
N ALA B 247 12.16 -33.92 -12.14
CA ALA B 247 10.81 -34.45 -12.24
C ALA B 247 10.92 -35.96 -12.09
N LEU B 248 9.87 -36.59 -11.59
CA LEU B 248 9.77 -38.01 -11.38
C LEU B 248 8.34 -38.47 -11.70
N GLY B 249 8.23 -39.39 -12.65
CA GLY B 249 6.96 -39.95 -13.09
C GLY B 249 6.79 -41.43 -12.77
N PRO B 250 5.67 -42.05 -13.22
CA PRO B 250 5.39 -43.44 -12.88
C PRO B 250 6.45 -44.48 -13.26
N ASP B 251 7.30 -44.19 -14.27
CA ASP B 251 8.36 -45.10 -14.71
C ASP B 251 9.58 -45.19 -13.74
N GLY B 252 9.63 -44.32 -12.73
CA GLY B 252 10.67 -44.33 -11.71
C GLY B 252 11.99 -43.69 -12.09
N LYS B 253 12.05 -43.10 -13.31
CA LYS B 253 13.25 -42.46 -13.82
C LYS B 253 13.28 -41.00 -13.44
N LEU B 254 14.27 -40.65 -12.64
CA LEU B 254 14.48 -39.30 -12.20
C LEU B 254 15.00 -38.48 -13.36
N LEU B 255 14.28 -37.42 -13.71
CA LEU B 255 14.63 -36.53 -14.82
C LEU B 255 15.20 -35.27 -14.23
N HIS B 256 16.22 -34.74 -14.88
CA HIS B 256 16.87 -33.53 -14.44
C HIS B 256 17.14 -32.55 -15.59
N SER B 257 17.06 -31.25 -15.25
CA SER B 257 17.51 -30.18 -16.11
C SER B 257 18.39 -29.23 -15.28
N ASP B 258 19.54 -28.83 -15.82
CA ASP B 258 20.38 -27.84 -15.18
C ASP B 258 19.65 -26.52 -15.35
N ALA B 259 19.94 -25.56 -14.47
CA ALA B 259 19.43 -24.20 -14.53
C ALA B 259 20.12 -23.49 -15.72
N PHE B 260 19.52 -22.39 -16.18
CA PHE B 260 20.04 -21.53 -17.24
C PHE B 260 20.20 -20.17 -16.57
N PRO B 261 21.20 -19.99 -15.66
CA PRO B 261 21.36 -18.70 -14.96
C PRO B 261 21.66 -17.53 -15.90
N PRO B 262 21.11 -16.34 -15.58
CA PRO B 262 21.38 -15.18 -16.43
C PRO B 262 22.81 -14.66 -16.16
N PRO B 263 23.41 -13.85 -17.08
CA PRO B 263 24.77 -13.31 -16.81
C PRO B 263 24.87 -12.57 -15.47
N ARG B 264 23.79 -11.87 -15.07
CA ARG B 264 23.68 -11.20 -13.78
C ARG B 264 22.27 -11.43 -13.24
N VAL B 265 22.16 -11.93 -12.00
CA VAL B 265 20.85 -12.14 -11.37
C VAL B 265 20.31 -10.77 -10.90
N VAL B 266 19.12 -10.39 -11.41
CA VAL B 266 18.46 -9.10 -11.19
C VAL B 266 17.21 -9.23 -10.29
N ASP B 267 16.31 -10.18 -10.63
CA ASP B 267 15.05 -10.32 -9.92
C ASP B 267 14.55 -11.75 -9.95
N THR B 268 14.62 -12.45 -8.81
CA THR B 268 14.16 -13.85 -8.73
C THR B 268 12.71 -13.94 -8.28
N LEU B 269 12.10 -12.80 -7.89
CA LEU B 269 10.71 -12.75 -7.43
C LEU B 269 9.79 -13.15 -8.59
N GLY B 270 9.06 -14.25 -8.41
CA GLY B 270 8.16 -14.81 -9.43
C GLY B 270 8.86 -15.75 -10.39
N ALA B 271 10.13 -16.13 -10.11
CA ALA B 271 10.90 -17.09 -10.93
C ALA B 271 10.32 -18.50 -10.81
N GLY B 272 9.87 -18.88 -9.61
CA GLY B 272 9.19 -20.14 -9.35
C GLY B 272 7.88 -20.25 -10.11
N ASP B 273 7.10 -19.16 -10.14
CA ASP B 273 5.84 -19.07 -10.88
C ASP B 273 6.06 -19.11 -12.38
N THR B 274 7.20 -18.59 -12.84
CA THR B 274 7.62 -18.59 -14.25
C THR B 274 7.93 -20.02 -14.68
N PHE B 275 8.63 -20.78 -13.81
CA PHE B 275 8.96 -22.18 -14.02
C PHE B 275 7.67 -22.99 -14.14
N ASN B 276 6.79 -22.88 -13.15
CA ASN B 276 5.52 -23.60 -13.10
C ASN B 276 4.70 -23.37 -14.36
N ALA B 277 4.49 -22.09 -14.75
CA ALA B 277 3.71 -21.74 -15.93
C ALA B 277 4.32 -22.30 -17.21
N SER B 278 5.67 -22.28 -17.33
CA SER B 278 6.40 -22.76 -18.52
C SER B 278 6.36 -24.26 -18.61
N VAL B 279 6.47 -24.97 -17.48
CA VAL B 279 6.32 -26.44 -17.44
C VAL B 279 4.89 -26.82 -17.92
N ILE B 280 3.86 -26.19 -17.33
CA ILE B 280 2.44 -26.39 -17.69
C ILE B 280 2.26 -26.15 -19.19
N PHE B 281 2.72 -24.98 -19.69
CA PHE B 281 2.61 -24.59 -21.08
C PHE B 281 3.19 -25.67 -22.01
N SER B 282 4.43 -26.04 -21.74
CA SER B 282 5.15 -27.05 -22.50
C SER B 282 4.41 -28.41 -22.51
N LEU B 283 3.92 -28.88 -21.35
CA LEU B 283 3.13 -30.11 -21.28
C LEU B 283 1.79 -29.99 -22.02
N SER B 284 1.09 -28.85 -21.88
CA SER B 284 -0.19 -28.62 -22.57
C SER B 284 -0.05 -28.59 -24.10
N GLN B 285 1.17 -28.32 -24.59
CA GLN B 285 1.57 -28.29 -26.00
C GLN B 285 1.98 -29.69 -26.50
N GLY B 286 1.88 -30.69 -25.63
CA GLY B 286 2.20 -32.07 -25.95
C GLY B 286 3.67 -32.46 -25.87
N ARG B 287 4.53 -31.57 -25.33
CA ARG B 287 5.96 -31.88 -25.16
C ARG B 287 6.14 -32.91 -24.01
N SER B 288 7.26 -33.61 -24.00
CA SER B 288 7.57 -34.62 -22.97
C SER B 288 7.93 -33.93 -21.63
N VAL B 289 7.98 -34.69 -20.53
CA VAL B 289 8.36 -34.16 -19.22
C VAL B 289 9.79 -33.62 -19.25
N GLN B 290 10.74 -34.33 -19.93
CA GLN B 290 12.11 -33.88 -20.08
C GLN B 290 12.17 -32.54 -20.80
N GLU B 291 11.44 -32.38 -21.90
CA GLU B 291 11.39 -31.11 -22.64
C GLU B 291 10.74 -29.98 -21.84
N ALA B 292 9.65 -30.28 -21.08
CA ALA B 292 8.95 -29.32 -20.23
C ALA B 292 9.83 -28.79 -19.08
N LEU B 293 10.63 -29.69 -18.45
CA LEU B 293 11.61 -29.40 -17.39
C LEU B 293 12.64 -28.39 -17.90
N ARG B 294 13.22 -28.68 -19.08
CA ARG B 294 14.26 -27.85 -19.73
C ARG B 294 13.71 -26.48 -20.08
N PHE B 295 12.53 -26.46 -20.70
CA PHE B 295 11.84 -25.22 -21.06
C PHE B 295 11.53 -24.34 -19.80
N GLY B 296 11.02 -24.97 -18.73
CA GLY B 296 10.75 -24.30 -17.45
C GLY B 296 12.01 -23.63 -16.90
N CYS B 297 13.16 -24.35 -16.93
CA CYS B 297 14.46 -23.82 -16.46
C CYS B 297 14.94 -22.67 -17.34
N GLN B 298 14.77 -22.79 -18.64
CA GLN B 298 15.16 -21.77 -19.62
C GLN B 298 14.40 -20.45 -19.39
N VAL B 299 13.04 -20.49 -19.32
CA VAL B 299 12.20 -19.30 -19.13
C VAL B 299 12.42 -18.70 -17.74
N ALA B 300 12.43 -19.55 -16.67
CA ALA B 300 12.70 -19.12 -15.29
C ALA B 300 14.08 -18.43 -15.17
N GLY B 301 15.05 -18.94 -15.91
CA GLY B 301 16.43 -18.43 -15.95
C GLY B 301 16.55 -17.09 -16.62
N LYS B 302 15.83 -16.89 -17.74
CA LYS B 302 15.72 -15.63 -18.47
C LYS B 302 15.11 -14.57 -17.53
N LYS B 303 13.98 -14.91 -16.86
CA LYS B 303 13.28 -14.05 -15.90
C LYS B 303 14.20 -13.48 -14.79
N CYS B 304 15.12 -14.30 -14.26
CA CYS B 304 16.03 -13.94 -13.15
C CYS B 304 16.94 -12.77 -13.49
N GLY B 305 17.26 -12.59 -14.76
CA GLY B 305 18.09 -11.49 -15.22
C GLY B 305 17.31 -10.27 -15.67
N LEU B 306 16.00 -10.27 -15.43
CA LEU B 306 15.05 -9.25 -15.86
C LEU B 306 14.28 -8.75 -14.68
N GLN B 307 13.89 -7.49 -14.72
CA GLN B 307 13.05 -6.89 -13.69
C GLN B 307 11.62 -7.09 -14.21
N GLY B 308 10.79 -7.79 -13.43
CA GLY B 308 9.44 -8.13 -13.84
C GLY B 308 9.36 -9.19 -14.92
N PHE B 309 8.28 -9.19 -15.69
CA PHE B 309 8.06 -10.25 -16.65
C PHE B 309 8.26 -9.85 -18.12
N ASP B 310 8.54 -8.58 -18.40
CA ASP B 310 8.81 -8.15 -19.78
C ASP B 310 10.10 -8.73 -20.32
N GLY B 311 10.03 -9.31 -21.52
CA GLY B 311 11.17 -9.86 -22.22
C GLY B 311 11.58 -11.28 -21.89
N ILE B 312 10.73 -12.02 -21.13
CA ILE B 312 11.03 -13.43 -20.76
C ILE B 312 10.92 -14.40 -21.97
N VAL B 313 10.19 -13.99 -23.04
CA VAL B 313 10.02 -14.74 -24.29
C VAL B 313 10.55 -13.87 -25.44
#